data_5T6Y
#
_entry.id   5T6Y
#
_cell.length_a   50.707
_cell.length_b   82.043
_cell.length_c   110.095
_cell.angle_alpha   90.00
_cell.angle_beta   90.00
_cell.angle_gamma   90.00
#
_symmetry.space_group_name_H-M   'P 21 21 21'
#
loop_
_entity.id
_entity.type
_entity.pdbx_description
1 polymer 'HLA class I histocompatibility antigen, B-57 alpha chain'
2 polymer Beta-2-microglobulin
3 polymer 'Decapeptide: THR-SER-THR-PHE-GLU-ASP-VAL-LYS-ILE-LEU-ALA-PHE'
4 non-polymer GLYCEROL
5 non-polymer 'ACETATE ION'
6 water water
#
loop_
_entity_poly.entity_id
_entity_poly.type
_entity_poly.pdbx_seq_one_letter_code
_entity_poly.pdbx_strand_id
1 'polypeptide(L)'
;GSHSMRYFYTAMSRPGRGEPRFIAVGYVDDTQFVRFDSDAASPRMAPRAPWIEQEGPEYWDGETRNMKASAQTYRENLRI
ALRYYNQSEAGSHIIQVMYGCDVGPDGRLLRGHDQSAYDGKDYIALNEDLSSWTAADTAAQITQRKWEAARVAEQLRAYL
EGLCVEWLRRYLENGKETLQRADPPKTHVTHHPISDHEATLRCWALGFYPAEITLTWQRDGEDQTQDTELVETRPAGDRT
FQKWAAVVVPSGEEQRYTCHVQHEGLPKPLTLRWEP
;
A
2 'polypeptide(L)'
;IQRTPKIQVYSRHPAENGKSNFLNCYVSGFHPSDIEVDLLKNGERIEKVEHSDLSFSKDWSFYLLYYTEFTPTEKDEYAC
RVNHVTLSQPKIVKWDRDM
;
B
3 'polypeptide(L)' TSTFEDVKILAF C
#
# COMPACT_ATOMS: atom_id res chain seq x y z
N GLY A 1 -9.12 4.60 -18.88
CA GLY A 1 -7.85 3.98 -18.61
C GLY A 1 -8.14 2.55 -18.23
N SER A 2 -7.12 1.83 -17.82
CA SER A 2 -7.32 0.51 -17.30
C SER A 2 -7.54 0.58 -15.81
N HIS A 3 -8.05 -0.51 -15.25
CA HIS A 3 -8.38 -0.57 -13.85
C HIS A 3 -8.08 -1.92 -13.26
N SER A 4 -7.94 -1.97 -11.94
CA SER A 4 -7.69 -3.24 -11.27
C SER A 4 -8.51 -3.38 -9.99
N MET A 5 -8.80 -4.63 -9.62
CA MET A 5 -9.34 -4.92 -8.32
C MET A 5 -8.37 -5.88 -7.63
N ARG A 6 -8.05 -5.61 -6.36
CA ARG A 6 -7.10 -6.41 -5.60
C ARG A 6 -7.60 -6.67 -4.20
N TYR A 7 -7.55 -7.91 -3.78
CA TYR A 7 -7.77 -8.25 -2.38
C TYR A 7 -6.45 -8.64 -1.73
N PHE A 8 -6.25 -8.20 -0.49
CA PHE A 8 -5.00 -8.46 0.24
C PHE A 8 -5.32 -9.13 1.58
N TYR A 9 -4.81 -10.35 1.81
CA TYR A 9 -4.98 -11.06 3.09
C TYR A 9 -3.67 -11.09 3.84
N THR A 10 -3.72 -10.86 5.16
CA THR A 10 -2.57 -11.09 6.04
C THR A 10 -3.01 -12.00 7.22
N ALA A 11 -2.30 -13.10 7.44
CA ALA A 11 -2.52 -13.98 8.59
C ALA A 11 -1.25 -14.07 9.40
N MET A 12 -1.33 -13.73 10.68
CA MET A 12 -0.15 -13.61 11.52
C MET A 12 -0.29 -14.42 12.81
N SER A 13 0.57 -15.43 12.98
CA SER A 13 0.51 -16.26 14.19
C SER A 13 1.17 -15.54 15.36
N ARG A 14 0.76 -15.89 16.57
CA ARG A 14 1.26 -15.24 17.79
C ARG A 14 1.16 -16.20 18.96
N PRO A 15 2.06 -17.20 19.01
CA PRO A 15 1.95 -18.24 20.04
C PRO A 15 1.90 -17.65 21.43
N GLY A 16 1.00 -18.17 22.26
CA GLY A 16 0.85 -17.72 23.64
C GLY A 16 -0.11 -16.56 23.75
N ARG A 17 -0.56 -16.04 22.61
CA ARG A 17 -1.42 -14.86 22.57
C ARG A 17 -2.63 -15.05 21.66
N GLY A 18 -3.22 -16.23 21.71
CA GLY A 18 -4.41 -16.52 20.94
C GLY A 18 -4.18 -17.07 19.55
N GLU A 19 -5.26 -17.12 18.77
CA GLU A 19 -5.21 -17.62 17.41
C GLU A 19 -4.66 -16.55 16.48
N PRO A 20 -4.11 -16.95 15.31
CA PRO A 20 -3.56 -15.97 14.38
C PRO A 20 -4.56 -14.86 13.97
N ARG A 21 -4.08 -13.62 13.93
CA ARG A 21 -4.87 -12.50 13.42
C ARG A 21 -5.04 -12.62 11.91
N PHE A 22 -6.26 -12.37 11.40
CA PHE A 22 -6.52 -12.34 9.96
C PHE A 22 -7.09 -10.97 9.60
N ILE A 23 -6.41 -10.26 8.70
CA ILE A 23 -6.88 -8.97 8.20
C ILE A 23 -7.00 -9.04 6.69
N ALA A 24 -8.08 -8.48 6.14
CA ALA A 24 -8.25 -8.45 4.71
C ALA A 24 -8.69 -7.05 4.32
N VAL A 25 -8.08 -6.55 3.23
CA VAL A 25 -8.55 -5.29 2.63
C VAL A 25 -8.76 -5.46 1.13
N GLY A 26 -9.70 -4.69 0.59
CA GLY A 26 -9.96 -4.69 -0.84
C GLY A 26 -9.75 -3.29 -1.41
N TYR A 27 -9.14 -3.26 -2.60
CA TYR A 27 -8.89 -2.03 -3.37
C TYR A 27 -9.47 -2.08 -4.78
N VAL A 28 -9.97 -0.94 -5.26
CA VAL A 28 -10.09 -0.72 -6.70
C VAL A 28 -9.07 0.35 -7.03
N ASP A 29 -8.15 0.02 -7.93
CA ASP A 29 -7.01 0.90 -8.22
C ASP A 29 -6.34 1.29 -6.90
N ASP A 30 -6.22 2.59 -6.61
CA ASP A 30 -5.57 3.00 -5.36
C ASP A 30 -6.58 3.47 -4.31
N THR A 31 -7.79 2.93 -4.38
CA THR A 31 -8.88 3.29 -3.46
C THR A 31 -9.34 2.07 -2.65
N GLN A 32 -9.12 2.08 -1.34
CA GLN A 32 -9.61 0.99 -0.50
C GLN A 32 -11.14 1.06 -0.40
N PHE A 33 -11.83 -0.07 -0.51
CA PHE A 33 -13.30 -0.04 -0.38
C PHE A 33 -13.90 -0.98 0.69
N VAL A 34 -13.16 -1.98 1.14
CA VAL A 34 -13.60 -2.82 2.28
C VAL A 34 -12.45 -3.23 3.19
N ARG A 35 -12.79 -3.62 4.43
CA ARG A 35 -11.82 -4.18 5.36
C ARG A 35 -12.47 -5.26 6.22
N PHE A 36 -11.65 -6.18 6.73
CA PHE A 36 -12.05 -7.18 7.70
C PHE A 36 -10.89 -7.40 8.67
N ASP A 37 -11.19 -7.45 9.97
CA ASP A 37 -10.16 -7.71 10.99
C ASP A 37 -10.72 -8.67 12.04
N SER A 38 -10.08 -9.82 12.20
CA SER A 38 -10.59 -10.82 13.15
C SER A 38 -10.42 -10.37 14.59
N ASP A 39 -9.57 -9.37 14.82
CA ASP A 39 -9.41 -8.81 16.17
C ASP A 39 -10.44 -7.73 16.50
N ALA A 40 -11.29 -7.35 15.55
CA ALA A 40 -12.34 -6.37 15.84
C ALA A 40 -13.31 -6.93 16.89
N ALA A 41 -13.95 -6.04 17.65
CA ALA A 41 -14.94 -6.47 18.64
C ALA A 41 -16.01 -7.39 18.02
N SER A 42 -16.53 -7.00 16.85
CA SER A 42 -17.48 -7.84 16.12
C SER A 42 -17.12 -7.92 14.63
N PRO A 43 -16.20 -8.83 14.26
CA PRO A 43 -15.67 -8.93 12.89
C PRO A 43 -16.74 -9.05 11.80
N ARG A 44 -16.69 -8.12 10.86
CA ARG A 44 -17.60 -8.07 9.72
C ARG A 44 -16.83 -7.46 8.56
N MET A 45 -17.11 -7.88 7.33
CA MET A 45 -16.63 -7.08 6.21
C MET A 45 -17.34 -5.73 6.28
N ALA A 46 -16.57 -4.65 6.25
CA ALA A 46 -17.13 -3.31 6.45
C ALA A 46 -16.71 -2.35 5.34
N PRO A 47 -17.58 -1.38 5.02
CA PRO A 47 -17.34 -0.40 3.95
C PRO A 47 -16.26 0.61 4.31
N ARG A 48 -15.38 0.92 3.35
CA ARG A 48 -14.38 1.96 3.52
C ARG A 48 -14.44 3.02 2.37
N ALA A 49 -15.44 2.92 1.51
CA ALA A 49 -15.65 3.89 0.43
C ALA A 49 -17.16 4.12 0.29
N PRO A 50 -17.58 5.36 -0.01
CA PRO A 50 -19.02 5.67 -0.03
C PRO A 50 -19.82 4.91 -1.09
N TRP A 51 -19.20 4.60 -2.22
CA TRP A 51 -19.91 3.92 -3.31
C TRP A 51 -20.17 2.43 -3.05
N ILE A 52 -19.52 1.82 -2.05
CA ILE A 52 -19.83 0.43 -1.71
C ILE A 52 -20.98 0.32 -0.69
N GLU A 53 -21.32 1.42 -0.01
CA GLU A 53 -22.28 1.36 1.09
C GLU A 53 -23.70 0.98 0.64
N GLN A 54 -23.98 1.21 -0.64
CA GLN A 54 -25.28 0.88 -1.20
C GLN A 54 -25.53 -0.61 -1.41
N GLU A 55 -24.50 -1.46 -1.29
CA GLU A 55 -24.75 -2.89 -1.41
C GLU A 55 -25.62 -3.29 -0.23
N GLY A 56 -26.51 -4.25 -0.45
CA GLY A 56 -27.47 -4.65 0.57
C GLY A 56 -26.95 -5.72 1.52
N PRO A 57 -27.80 -6.16 2.46
CA PRO A 57 -27.45 -7.15 3.49
C PRO A 57 -26.95 -8.47 2.92
N GLU A 58 -27.47 -8.88 1.77
CA GLU A 58 -27.03 -10.13 1.18
C GLU A 58 -25.55 -10.03 0.80
N TYR A 59 -25.14 -8.86 0.35
CA TYR A 59 -23.74 -8.64 -0.01
C TYR A 59 -22.84 -8.76 1.20
N TRP A 60 -23.15 -8.01 2.26
CA TRP A 60 -22.28 -7.95 3.44
C TRP A 60 -22.27 -9.27 4.19
N ASP A 61 -23.41 -9.95 4.22
CA ASP A 61 -23.47 -11.28 4.80
C ASP A 61 -22.56 -12.22 4.02
N GLY A 62 -22.62 -12.16 2.69
CA GLY A 62 -21.82 -13.01 1.85
C GLY A 62 -20.31 -12.81 2.05
N GLU A 63 -19.88 -11.56 2.03
CA GLU A 63 -18.46 -11.26 2.17
C GLU A 63 -17.95 -11.61 3.58
N THR A 64 -18.78 -11.35 4.60
CA THR A 64 -18.39 -11.70 5.97
C THR A 64 -18.22 -13.20 6.14
N ARG A 65 -19.15 -13.96 5.58
CA ARG A 65 -19.06 -15.41 5.59
C ARG A 65 -17.73 -15.88 4.96
N ASN A 66 -17.40 -15.29 3.82
CA ASN A 66 -16.15 -15.61 3.10
C ASN A 66 -14.92 -15.33 3.93
N MET A 67 -14.93 -14.19 4.64
CA MET A 67 -13.75 -13.78 5.38
C MET A 67 -13.57 -14.66 6.61
N LYS A 68 -14.65 -15.19 7.18
CA LYS A 68 -14.49 -16.08 8.31
C LYS A 68 -13.95 -17.43 7.86
N ALA A 69 -14.42 -17.87 6.70
CA ALA A 69 -13.96 -19.10 6.07
C ALA A 69 -12.50 -18.95 5.69
N SER A 70 -12.13 -17.80 5.12
CA SER A 70 -10.74 -17.54 4.77
C SER A 70 -9.83 -17.47 6.00
N ALA A 71 -10.28 -16.79 7.06
CA ALA A 71 -9.51 -16.75 8.31
C ALA A 71 -9.19 -18.17 8.77
N GLN A 72 -10.20 -19.03 8.78
CA GLN A 72 -10.03 -20.41 9.23
CA GLN A 72 -10.02 -20.40 9.24
C GLN A 72 -9.03 -21.16 8.36
N THR A 73 -9.17 -21.02 7.03
CA THR A 73 -8.29 -21.76 6.11
C THR A 73 -6.84 -21.29 6.25
N TYR A 74 -6.60 -20.00 6.39
CA TYR A 74 -5.22 -19.55 6.46
C TYR A 74 -4.62 -19.74 7.87
N ARG A 75 -5.44 -19.84 8.91
CA ARG A 75 -4.91 -20.27 10.20
C ARG A 75 -4.36 -21.69 10.14
N GLU A 76 -5.11 -22.59 9.52
CA GLU A 76 -4.63 -23.94 9.28
C GLU A 76 -3.39 -23.95 8.39
N ASN A 77 -3.34 -23.07 7.39
CA ASN A 77 -2.18 -23.03 6.50
C ASN A 77 -0.92 -22.58 7.25
N LEU A 78 -1.08 -21.77 8.29
CA LEU A 78 0.07 -21.40 9.12
C LEU A 78 0.62 -22.61 9.84
N ARG A 79 -0.26 -23.47 10.34
CA ARG A 79 0.18 -24.69 11.02
C ARG A 79 0.86 -25.65 10.03
N ILE A 80 0.30 -25.78 8.83
CA ILE A 80 0.89 -26.60 7.79
C ILE A 80 2.28 -26.10 7.40
N ALA A 81 2.41 -24.79 7.19
CA ALA A 81 3.68 -24.18 6.77
C ALA A 81 4.77 -24.40 7.79
N LEU A 82 4.41 -24.34 9.07
CA LEU A 82 5.34 -24.70 10.15
C LEU A 82 6.03 -26.03 9.91
N ARG A 83 5.24 -27.05 9.61
CA ARG A 83 5.76 -28.38 9.38
C ARG A 83 6.57 -28.46 8.08
N TYR A 84 6.13 -27.75 7.04
CA TYR A 84 6.85 -27.80 5.76
C TYR A 84 8.24 -27.20 5.88
N TYR A 85 8.45 -26.31 6.84
CA TYR A 85 9.75 -25.67 7.01
C TYR A 85 10.47 -26.12 8.29
N ASN A 86 9.96 -27.17 8.93
CA ASN A 86 10.61 -27.77 10.09
C ASN A 86 10.84 -26.75 11.20
N GLN A 87 9.84 -25.90 11.44
CA GLN A 87 9.99 -24.78 12.37
C GLN A 87 9.32 -25.02 13.73
N SER A 88 9.80 -24.33 14.76
CA SER A 88 9.26 -24.50 16.11
C SER A 88 7.93 -23.77 16.28
N GLU A 89 7.16 -24.19 17.28
CA GLU A 89 5.88 -23.54 17.53
C GLU A 89 6.03 -22.32 18.44
N ALA A 90 7.27 -21.93 18.74
CA ALA A 90 7.51 -20.76 19.59
C ALA A 90 7.43 -19.45 18.81
N GLY A 91 7.76 -19.50 17.52
CA GLY A 91 7.89 -18.28 16.75
C GLY A 91 6.62 -17.79 16.10
N SER A 92 6.63 -16.52 15.71
CA SER A 92 5.53 -15.92 14.98
C SER A 92 5.82 -15.88 13.48
N HIS A 93 4.83 -16.22 12.67
CA HIS A 93 5.01 -16.28 11.22
C HIS A 93 3.81 -15.64 10.52
N ILE A 94 3.99 -15.33 9.23
CA ILE A 94 3.00 -14.60 8.47
C ILE A 94 2.77 -15.24 7.10
N ILE A 95 1.51 -15.43 6.72
CA ILE A 95 1.14 -15.71 5.33
C ILE A 95 0.46 -14.49 4.74
N GLN A 96 0.87 -14.13 3.51
CA GLN A 96 0.22 -13.03 2.78
C GLN A 96 -0.30 -13.54 1.42
N VAL A 97 -1.44 -13.01 0.98
CA VAL A 97 -2.06 -13.37 -0.30
C VAL A 97 -2.51 -12.09 -0.99
N MET A 98 -2.19 -11.95 -2.28
CA MET A 98 -2.81 -10.87 -3.07
C MET A 98 -3.37 -11.45 -4.36
N TYR A 99 -4.62 -11.12 -4.67
CA TYR A 99 -5.24 -11.62 -5.87
C TYR A 99 -6.25 -10.64 -6.49
N GLY A 100 -6.58 -10.87 -7.76
CA GLY A 100 -7.57 -10.02 -8.40
C GLY A 100 -7.37 -9.93 -9.90
N CYS A 101 -8.03 -8.95 -10.52
CA CYS A 101 -8.06 -8.87 -11.97
C CYS A 101 -7.73 -7.45 -12.46
N ASP A 102 -7.26 -7.37 -13.70
CA ASP A 102 -7.06 -6.09 -14.39
C ASP A 102 -7.95 -6.09 -15.61
N VAL A 103 -8.62 -4.96 -15.88
CA VAL A 103 -9.41 -4.83 -17.10
C VAL A 103 -8.96 -3.59 -17.89
N GLY A 104 -9.17 -3.64 -19.20
CA GLY A 104 -8.81 -2.55 -20.07
C GLY A 104 -9.95 -1.56 -20.18
N PRO A 105 -9.75 -0.47 -20.93
CA PRO A 105 -10.74 0.57 -21.19
C PRO A 105 -12.11 0.03 -21.62
N ASP A 106 -12.10 -1.08 -22.36
CA ASP A 106 -13.34 -1.71 -22.78
C ASP A 106 -13.93 -2.65 -21.73
N GLY A 107 -13.22 -2.83 -20.61
CA GLY A 107 -13.73 -3.63 -19.52
C GLY A 107 -13.47 -5.12 -19.62
N ARG A 108 -12.74 -5.56 -20.63
CA ARG A 108 -12.40 -6.98 -20.71
C ARG A 108 -11.10 -7.28 -19.98
N LEU A 109 -10.98 -8.53 -19.54
CA LEU A 109 -9.82 -9.00 -18.78
C LEU A 109 -8.49 -8.79 -19.49
N LEU A 110 -7.58 -8.08 -18.83
CA LEU A 110 -6.22 -7.94 -19.30
C LEU A 110 -5.35 -9.06 -18.73
N ARG A 111 -5.48 -9.30 -17.42
CA ARG A 111 -4.81 -10.43 -16.76
C ARG A 111 -5.29 -10.60 -15.33
N GLY A 112 -5.11 -11.81 -14.80
CA GLY A 112 -5.46 -12.08 -13.41
C GLY A 112 -4.28 -12.47 -12.54
N HIS A 113 -4.46 -12.38 -11.23
CA HIS A 113 -3.39 -12.62 -10.28
C HIS A 113 -3.86 -13.47 -9.12
N ASP A 114 -2.99 -14.35 -8.62
CA ASP A 114 -3.20 -15.02 -7.34
C ASP A 114 -1.84 -15.46 -6.77
N GLN A 115 -1.28 -14.63 -5.90
CA GLN A 115 0.08 -14.81 -5.39
CA GLN A 115 0.06 -14.86 -5.40
C GLN A 115 0.13 -14.94 -3.87
N SER A 116 0.95 -15.86 -3.37
CA SER A 116 1.09 -16.01 -1.92
C SER A 116 2.55 -15.96 -1.47
N ALA A 117 2.73 -15.58 -0.21
CA ALA A 117 4.04 -15.45 0.43
C ALA A 117 4.02 -16.03 1.86
N TYR A 118 5.17 -16.48 2.32
CA TYR A 118 5.36 -16.94 3.71
C TYR A 118 6.55 -16.21 4.31
N ASP A 119 6.33 -15.56 5.45
CA ASP A 119 7.33 -14.70 6.08
C ASP A 119 8.00 -13.72 5.11
N GLY A 120 7.21 -13.13 4.21
CA GLY A 120 7.69 -12.07 3.34
C GLY A 120 8.46 -12.51 2.09
N LYS A 121 8.50 -13.83 1.84
CA LYS A 121 9.13 -14.37 0.64
C LYS A 121 8.10 -15.07 -0.25
N ASP A 122 8.28 -14.99 -1.57
CA ASP A 122 7.41 -15.72 -2.48
C ASP A 122 7.23 -17.17 -2.03
N TYR A 123 5.98 -17.65 -2.06
CA TYR A 123 5.72 -19.06 -1.76
C TYR A 123 5.19 -19.77 -3.02
N ILE A 124 3.98 -19.42 -3.45
CA ILE A 124 3.46 -19.97 -4.70
C ILE A 124 2.64 -18.93 -5.45
N ALA A 125 2.66 -19.00 -6.77
CA ALA A 125 1.92 -18.03 -7.59
C ALA A 125 1.21 -18.68 -8.78
N LEU A 126 -0.01 -18.23 -9.05
CA LEU A 126 -0.71 -18.64 -10.26
C LEU A 126 -0.08 -17.95 -11.48
N ASN A 127 0.30 -18.73 -12.50
CA ASN A 127 0.94 -18.17 -13.68
C ASN A 127 -0.06 -17.36 -14.50
N GLU A 128 0.43 -16.51 -15.39
CA GLU A 128 -0.45 -15.64 -16.18
C GLU A 128 -1.45 -16.44 -17.03
N ASP A 129 -1.10 -17.67 -17.38
CA ASP A 129 -2.00 -18.53 -18.14
C ASP A 129 -3.25 -18.94 -17.35
N LEU A 130 -3.21 -18.72 -16.03
CA LEU A 130 -4.29 -19.08 -15.11
C LEU A 130 -4.57 -20.59 -15.12
N SER A 131 -3.53 -21.37 -15.42
CA SER A 131 -3.69 -22.82 -15.50
C SER A 131 -2.50 -23.60 -14.93
N SER A 132 -1.38 -22.92 -14.68
CA SER A 132 -0.24 -23.57 -14.02
C SER A 132 0.28 -22.72 -12.85
N TRP A 133 1.24 -23.27 -12.10
CA TRP A 133 1.75 -22.63 -10.88
C TRP A 133 3.27 -22.44 -10.91
N THR A 134 3.75 -21.41 -10.23
CA THR A 134 5.18 -21.25 -9.92
C THR A 134 5.41 -21.35 -8.40
N ALA A 135 6.09 -22.41 -7.99
CA ALA A 135 6.47 -22.65 -6.60
C ALA A 135 7.90 -22.20 -6.33
N ALA A 136 8.12 -21.48 -5.23
CA ALA A 136 9.42 -20.85 -4.98
C ALA A 136 10.46 -21.80 -4.38
N ASP A 137 10.01 -22.88 -3.74
CA ASP A 137 10.92 -23.81 -3.08
C ASP A 137 10.28 -25.19 -2.94
N THR A 138 10.97 -26.15 -2.31
CA THR A 138 10.44 -27.51 -2.26
C THR A 138 9.23 -27.63 -1.33
N ALA A 139 9.09 -26.73 -0.38
CA ALA A 139 7.87 -26.67 0.43
C ALA A 139 6.65 -26.31 -0.44
N ALA A 140 6.77 -25.25 -1.22
CA ALA A 140 5.65 -24.83 -2.05
C ALA A 140 5.35 -25.87 -3.15
N GLN A 141 6.34 -26.67 -3.52
CA GLN A 141 6.10 -27.74 -4.49
C GLN A 141 5.13 -28.78 -3.93
N ILE A 142 5.10 -28.94 -2.60
CA ILE A 142 4.17 -29.90 -1.99
C ILE A 142 2.75 -29.39 -2.17
N THR A 143 2.56 -28.09 -1.93
CA THR A 143 1.27 -27.46 -2.16
C THR A 143 0.91 -27.52 -3.63
N GLN A 144 1.89 -27.27 -4.50
CA GLN A 144 1.61 -27.27 -5.95
C GLN A 144 1.03 -28.62 -6.41
N ARG A 145 1.65 -29.72 -5.95
CA ARG A 145 1.17 -31.05 -6.28
C ARG A 145 -0.28 -31.26 -5.83
N LYS A 146 -0.61 -30.78 -4.62
CA LYS A 146 -1.98 -30.93 -4.13
C LYS A 146 -2.98 -30.16 -4.98
N TRP A 147 -2.60 -28.94 -5.35
CA TRP A 147 -3.48 -28.06 -6.11
C TRP A 147 -3.62 -28.53 -7.56
N GLU A 148 -2.59 -29.16 -8.09
CA GLU A 148 -2.67 -29.74 -9.42
C GLU A 148 -3.63 -30.92 -9.40
N ALA A 149 -3.51 -31.75 -8.37
CA ALA A 149 -4.36 -32.93 -8.28
C ALA A 149 -5.83 -32.56 -8.09
N ALA A 150 -6.08 -31.42 -7.45
CA ALA A 150 -7.45 -31.00 -7.19
C ALA A 150 -8.01 -30.01 -8.22
N ARG A 151 -7.23 -29.73 -9.27
CA ARG A 151 -7.61 -28.78 -10.32
C ARG A 151 -8.07 -27.43 -9.73
N VAL A 152 -7.26 -26.91 -8.82
CA VAL A 152 -7.55 -25.62 -8.18
C VAL A 152 -7.45 -24.47 -9.17
N ALA A 153 -6.50 -24.55 -10.11
CA ALA A 153 -6.28 -23.44 -11.04
C ALA A 153 -7.53 -23.18 -11.89
N GLU A 154 -8.23 -24.26 -12.27
CA GLU A 154 -9.47 -24.13 -13.05
C GLU A 154 -10.54 -23.31 -12.32
N GLN A 155 -10.59 -23.45 -11.00
CA GLN A 155 -11.60 -22.75 -10.21
C GLN A 155 -11.22 -21.27 -10.02
N LEU A 156 -9.94 -21.00 -9.84
CA LEU A 156 -9.47 -19.62 -9.76
C LEU A 156 -9.64 -18.92 -11.10
N ARG A 157 -9.37 -19.64 -12.18
CA ARG A 157 -9.52 -19.09 -13.51
C ARG A 157 -10.98 -18.68 -13.75
N ALA A 158 -11.90 -19.55 -13.36
CA ALA A 158 -13.33 -19.28 -13.52
C ALA A 158 -13.74 -18.04 -12.73
N TYR A 159 -13.15 -17.87 -11.54
CA TYR A 159 -13.43 -16.70 -10.71
C TYR A 159 -12.84 -15.43 -11.32
N LEU A 160 -11.57 -15.51 -11.73
CA LEU A 160 -10.87 -14.35 -12.25
C LEU A 160 -11.48 -13.83 -13.55
N GLU A 161 -11.87 -14.75 -14.44
CA GLU A 161 -12.48 -14.36 -15.72
C GLU A 161 -13.96 -13.96 -15.60
N GLY A 162 -14.59 -14.36 -14.51
CA GLY A 162 -16.04 -14.20 -14.35
C GLY A 162 -16.38 -13.21 -13.27
N LEU A 163 -16.60 -13.70 -12.05
CA LEU A 163 -17.05 -12.85 -10.95
C LEU A 163 -16.15 -11.66 -10.65
N CYS A 164 -14.82 -11.86 -10.67
CA CYS A 164 -13.90 -10.75 -10.39
C CYS A 164 -14.11 -9.59 -11.39
N VAL A 165 -14.20 -9.89 -12.68
CA VAL A 165 -14.33 -8.86 -13.68
C VAL A 165 -15.73 -8.23 -13.62
N GLU A 166 -16.73 -9.05 -13.35
CA GLU A 166 -18.10 -8.55 -13.31
C GLU A 166 -18.29 -7.60 -12.13
N TRP A 167 -17.69 -7.93 -11.00
CA TRP A 167 -17.80 -7.06 -9.83
C TRP A 167 -16.99 -5.77 -10.00
N LEU A 168 -15.77 -5.90 -10.51
CA LEU A 168 -14.97 -4.71 -10.83
C LEU A 168 -15.72 -3.74 -11.76
N ARG A 169 -16.36 -4.27 -12.80
CA ARG A 169 -17.14 -3.42 -13.70
C ARG A 169 -18.28 -2.71 -12.97
N ARG A 170 -18.97 -3.42 -12.08
CA ARG A 170 -20.05 -2.81 -11.29
C ARG A 170 -19.53 -1.69 -10.37
N TYR A 171 -18.41 -1.95 -9.69
CA TYR A 171 -17.81 -0.96 -8.81
C TYR A 171 -17.40 0.31 -9.54
N LEU A 172 -16.80 0.12 -10.71
CA LEU A 172 -16.39 1.26 -11.56
C LEU A 172 -17.57 2.11 -11.97
N GLU A 173 -18.72 1.49 -12.21
CA GLU A 173 -19.92 2.24 -12.56
C GLU A 173 -20.49 2.98 -11.35
N ASN A 174 -20.61 2.28 -10.22
CA ASN A 174 -21.16 2.90 -9.01
C ASN A 174 -20.26 4.00 -8.47
N GLY A 175 -18.96 3.85 -8.63
CA GLY A 175 -18.01 4.85 -8.17
C GLY A 175 -17.38 5.71 -9.26
N LYS A 176 -18.10 5.92 -10.36
CA LYS A 176 -17.52 6.54 -11.53
C LYS A 176 -17.09 7.98 -11.30
N GLU A 177 -17.73 8.68 -10.35
CA GLU A 177 -17.36 10.07 -10.04
C GLU A 177 -15.93 10.19 -9.53
N THR A 178 -15.43 9.12 -8.93
CA THR A 178 -14.13 9.17 -8.25
C THR A 178 -13.15 8.15 -8.82
N LEU A 179 -13.62 6.93 -9.03
CA LEU A 179 -12.76 5.87 -9.55
C LEU A 179 -12.36 6.16 -11.02
N GLN A 180 -13.21 6.87 -11.74
CA GLN A 180 -12.94 7.15 -13.14
C GLN A 180 -12.51 8.61 -13.36
N ARG A 181 -12.06 9.24 -12.28
CA ARG A 181 -11.51 10.60 -12.33
C ARG A 181 -10.04 10.61 -11.93
N ALA A 182 -9.19 11.11 -12.83
CA ALA A 182 -7.78 11.38 -12.55
C ALA A 182 -7.59 12.81 -12.06
N ASP A 183 -6.90 12.99 -10.94
CA ASP A 183 -6.54 14.35 -10.47
C ASP A 183 -5.06 14.59 -10.76
N PRO A 184 -4.75 15.61 -11.57
CA PRO A 184 -3.37 15.87 -11.98
C PRO A 184 -2.55 16.45 -10.85
N PRO A 185 -1.21 16.30 -10.91
CA PRO A 185 -0.44 16.87 -9.79
C PRO A 185 -0.39 18.39 -9.82
N LYS A 186 -0.34 19.00 -8.63
CA LYS A 186 0.03 20.41 -8.48
C LYS A 186 1.53 20.44 -8.24
N THR A 187 2.26 21.18 -9.07
CA THR A 187 3.72 21.08 -9.12
C THR A 187 4.40 22.42 -8.90
N HIS A 188 5.56 22.39 -8.24
CA HIS A 188 6.41 23.57 -8.09
C HIS A 188 7.83 23.17 -7.72
N VAL A 189 8.80 24.04 -8.00
CA VAL A 189 10.18 23.78 -7.64
C VAL A 189 10.64 24.71 -6.51
N THR A 190 11.32 24.16 -5.51
CA THR A 190 11.89 24.99 -4.45
C THR A 190 13.41 24.99 -4.55
N HIS A 191 14.01 26.02 -3.96
CA HIS A 191 15.45 26.20 -4.00
C HIS A 191 15.98 26.50 -2.61
N HIS A 192 17.00 25.75 -2.18
CA HIS A 192 17.60 26.00 -0.88
C HIS A 192 19.11 25.81 -0.91
N PRO A 193 19.86 26.89 -0.65
CA PRO A 193 21.32 26.74 -0.66
C PRO A 193 21.81 25.78 0.42
N ILE A 194 22.84 25.02 0.09
CA ILE A 194 23.50 24.10 1.03
C ILE A 194 24.77 24.74 1.57
N SER A 195 25.52 25.33 0.64
CA SER A 195 26.73 26.07 0.94
C SER A 195 26.76 27.27 0.00
N ASP A 196 27.89 27.95 -0.07
CA ASP A 196 28.07 29.05 -1.02
C ASP A 196 28.17 28.59 -2.47
N HIS A 197 28.42 27.31 -2.70
CA HIS A 197 28.60 26.85 -4.08
C HIS A 197 27.75 25.64 -4.46
N GLU A 198 26.80 25.27 -3.61
CA GLU A 198 25.86 24.21 -3.95
C GLU A 198 24.46 24.54 -3.44
N ALA A 199 23.44 24.12 -4.17
CA ALA A 199 22.06 24.32 -3.74
C ALA A 199 21.22 23.10 -4.08
N THR A 200 20.16 22.89 -3.30
CA THR A 200 19.23 21.81 -3.58
C THR A 200 18.03 22.34 -4.35
N LEU A 201 17.68 21.68 -5.46
CA LEU A 201 16.44 21.93 -6.17
C LEU A 201 15.52 20.75 -5.92
N ARG A 202 14.32 21.01 -5.44
CA ARG A 202 13.37 19.95 -5.16
C ARG A 202 12.09 20.15 -5.96
N CYS A 203 11.73 19.14 -6.74
CA CYS A 203 10.54 19.20 -7.57
C CYS A 203 9.39 18.51 -6.83
N TRP A 204 8.34 19.26 -6.51
CA TRP A 204 7.17 18.76 -5.78
C TRP A 204 6.00 18.39 -6.67
N ALA A 205 5.34 17.27 -6.36
CA ALA A 205 4.04 16.90 -6.93
C ALA A 205 3.04 16.63 -5.80
N LEU A 206 1.91 17.35 -5.81
CA LEU A 206 0.94 17.27 -4.72
C LEU A 206 -0.47 17.04 -5.22
N GLY A 207 -1.30 16.38 -4.42
CA GLY A 207 -2.72 16.26 -4.71
C GLY A 207 -3.13 15.42 -5.91
N PHE A 208 -2.30 14.47 -6.32
CA PHE A 208 -2.63 13.67 -7.50
C PHE A 208 -3.24 12.29 -7.20
N TYR A 209 -3.98 11.77 -8.18
CA TYR A 209 -4.58 10.45 -8.13
C TYR A 209 -4.76 9.96 -9.56
N PRO A 210 -4.40 8.71 -9.86
CA PRO A 210 -3.90 7.65 -8.98
C PRO A 210 -2.44 7.88 -8.56
N ALA A 211 -1.85 6.92 -7.85
CA ALA A 211 -0.52 7.11 -7.27
C ALA A 211 0.63 7.09 -8.27
N GLU A 212 0.45 6.39 -9.39
CA GLU A 212 1.50 6.22 -10.38
C GLU A 212 1.90 7.57 -10.99
N ILE A 213 3.19 7.89 -10.94
CA ILE A 213 3.68 9.20 -11.42
C ILE A 213 5.16 9.05 -11.76
N THR A 214 5.65 9.86 -12.69
CA THR A 214 7.09 9.89 -12.96
C THR A 214 7.64 11.30 -12.77
N LEU A 215 8.63 11.44 -11.90
CA LEU A 215 9.32 12.71 -11.66
C LEU A 215 10.77 12.56 -12.00
N THR A 216 11.26 13.37 -12.94
CA THR A 216 12.67 13.26 -13.33
C THR A 216 13.34 14.62 -13.45
N TRP A 217 14.64 14.66 -13.11
CA TRP A 217 15.46 15.84 -13.30
C TRP A 217 16.37 15.64 -14.50
N GLN A 218 16.51 16.68 -15.31
CA GLN A 218 17.51 16.67 -16.38
C GLN A 218 18.46 17.84 -16.23
N ARG A 219 19.72 17.59 -16.55
CA ARG A 219 20.75 18.61 -16.63
C ARG A 219 21.21 18.70 -18.06
N ASP A 220 21.04 19.87 -18.66
CA ASP A 220 21.33 20.05 -20.09
C ASP A 220 20.63 18.98 -20.95
N GLY A 221 19.43 18.58 -20.55
CA GLY A 221 18.62 17.65 -21.33
C GLY A 221 18.94 16.18 -21.12
N GLU A 222 19.86 15.91 -20.20
CA GLU A 222 20.29 14.55 -19.87
C GLU A 222 19.71 14.13 -18.52
N ASP A 223 19.07 12.96 -18.47
CA ASP A 223 18.48 12.45 -17.23
C ASP A 223 19.53 12.30 -16.12
N GLN A 224 19.18 12.71 -14.91
CA GLN A 224 20.12 12.63 -13.78
C GLN A 224 19.73 11.52 -12.81
N THR A 225 19.46 10.34 -13.37
CA THR A 225 18.91 9.23 -12.59
C THR A 225 19.75 8.85 -11.37
N GLN A 226 21.05 8.62 -11.59
CA GLN A 226 21.90 8.16 -10.50
C GLN A 226 22.24 9.27 -9.51
N ASP A 227 21.87 10.52 -9.82
CA ASP A 227 22.15 11.63 -8.90
C ASP A 227 20.90 12.27 -8.27
N THR A 228 19.72 11.72 -8.56
CA THR A 228 18.47 12.26 -8.02
C THR A 228 18.00 11.52 -6.77
N GLU A 229 17.66 12.26 -5.73
CA GLU A 229 17.05 11.65 -4.54
C GLU A 229 15.54 11.66 -4.70
N LEU A 230 14.97 10.46 -4.70
CA LEU A 230 13.56 10.22 -4.98
C LEU A 230 12.85 9.60 -3.79
N VAL A 231 11.93 10.34 -3.16
CA VAL A 231 11.26 9.83 -1.98
C VAL A 231 10.08 8.95 -2.40
N GLU A 232 9.71 7.98 -1.57
CA GLU A 232 8.57 7.11 -1.88
C GLU A 232 7.26 7.90 -1.96
N THR A 233 6.44 7.61 -2.97
CA THR A 233 5.10 8.21 -3.08
C THR A 233 4.31 7.94 -1.81
N ARG A 234 3.70 8.98 -1.24
CA ARG A 234 3.05 8.92 0.08
C ARG A 234 1.62 9.44 0.05
N PRO A 235 0.72 8.81 0.84
CA PRO A 235 -0.69 9.24 0.86
C PRO A 235 -0.91 10.53 1.64
N ALA A 236 -1.73 11.43 1.10
CA ALA A 236 -2.01 12.65 1.84
C ALA A 236 -3.04 12.40 2.93
N GLY A 237 -3.89 11.39 2.71
CA GLY A 237 -4.96 11.10 3.64
C GLY A 237 -6.32 11.55 3.16
N ASP A 238 -6.37 12.17 1.98
CA ASP A 238 -7.62 12.69 1.43
C ASP A 238 -7.94 12.08 0.05
N ARG A 239 -7.43 10.86 -0.16
CA ARG A 239 -7.44 10.08 -1.41
C ARG A 239 -6.21 10.33 -2.27
N THR A 240 -5.61 11.52 -2.17
CA THR A 240 -4.51 11.88 -3.07
C THR A 240 -3.13 11.48 -2.53
N PHE A 241 -2.13 11.67 -3.39
CA PHE A 241 -0.75 11.30 -3.10
C PHE A 241 0.20 12.48 -3.30
N GLN A 242 1.41 12.34 -2.75
CA GLN A 242 2.48 13.34 -2.81
C GLN A 242 3.81 12.68 -3.17
N LYS A 243 4.67 13.40 -3.89
CA LYS A 243 6.03 12.92 -4.14
C LYS A 243 6.95 14.13 -4.41
N TRP A 244 8.24 13.98 -4.11
CA TRP A 244 9.25 14.92 -4.57
C TRP A 244 10.54 14.23 -5.03
N ALA A 245 11.32 14.97 -5.81
CA ALA A 245 12.60 14.54 -6.36
C ALA A 245 13.58 15.68 -6.21
N ALA A 246 14.80 15.39 -5.75
CA ALA A 246 15.75 16.47 -5.49
C ALA A 246 17.10 16.22 -6.13
N VAL A 247 17.77 17.32 -6.45
CA VAL A 247 19.09 17.27 -7.02
C VAL A 247 19.92 18.38 -6.39
N VAL A 248 21.20 18.08 -6.19
CA VAL A 248 22.16 19.05 -5.69
C VAL A 248 22.93 19.62 -6.87
N VAL A 249 22.87 20.94 -7.03
CA VAL A 249 23.42 21.59 -8.21
C VAL A 249 24.45 22.66 -7.83
N PRO A 250 25.43 22.90 -8.71
CA PRO A 250 26.40 23.95 -8.46
C PRO A 250 25.75 25.33 -8.50
N SER A 251 26.10 26.23 -7.58
CA SER A 251 25.56 27.59 -7.60
C SER A 251 25.77 28.24 -8.96
N GLY A 252 24.71 28.84 -9.49
CA GLY A 252 24.82 29.57 -10.74
C GLY A 252 24.42 28.72 -11.94
N GLU A 253 24.21 27.42 -11.72
CA GLU A 253 23.80 26.53 -12.80
C GLU A 253 22.36 26.06 -12.69
N GLU A 254 21.57 26.68 -11.83
CA GLU A 254 20.20 26.24 -11.58
C GLU A 254 19.36 26.21 -12.85
N GLN A 255 19.58 27.15 -13.77
CA GLN A 255 18.74 27.19 -14.96
C GLN A 255 19.09 26.07 -15.98
N ARG A 256 20.15 25.33 -15.73
CA ARG A 256 20.50 24.20 -16.59
C ARG A 256 19.72 22.92 -16.24
N TYR A 257 18.94 23.00 -15.17
CA TYR A 257 18.18 21.86 -14.67
C TYR A 257 16.67 22.01 -14.89
N THR A 258 16.04 20.94 -15.37
CA THR A 258 14.58 20.94 -15.60
C THR A 258 13.94 19.71 -15.00
N CYS A 259 12.75 19.89 -14.43
CA CYS A 259 12.01 18.79 -13.87
C CYS A 259 10.90 18.40 -14.81
N HIS A 260 10.76 17.09 -15.05
CA HIS A 260 9.77 16.58 -15.98
C HIS A 260 8.77 15.68 -15.25
N VAL A 261 7.48 15.94 -15.46
CA VAL A 261 6.44 15.23 -14.73
C VAL A 261 5.50 14.53 -15.69
N GLN A 262 5.25 13.25 -15.43
CA GLN A 262 4.31 12.45 -16.21
C GLN A 262 3.22 11.92 -15.30
N HIS A 263 1.96 12.16 -15.66
CA HIS A 263 0.84 11.62 -14.88
C HIS A 263 -0.37 11.44 -15.78
N GLU A 264 -1.17 10.41 -15.49
CA GLU A 264 -2.41 10.15 -16.23
C GLU A 264 -3.32 11.37 -16.36
N GLY A 265 -3.40 12.19 -15.31
CA GLY A 265 -4.27 13.36 -15.33
C GLY A 265 -3.74 14.55 -16.12
N LEU A 266 -2.56 14.38 -16.73
CA LEU A 266 -1.94 15.39 -17.57
C LEU A 266 -2.06 15.01 -19.03
N PRO A 267 -2.64 15.89 -19.87
CA PRO A 267 -2.70 15.62 -21.31
C PRO A 267 -1.31 15.48 -21.94
N LYS A 268 -0.38 16.35 -21.53
CA LYS A 268 1.00 16.31 -21.98
C LYS A 268 1.93 16.35 -20.77
N PRO A 269 3.12 15.72 -20.87
CA PRO A 269 4.09 15.83 -19.76
C PRO A 269 4.48 17.28 -19.44
N LEU A 270 4.67 17.57 -18.16
CA LEU A 270 5.08 18.90 -17.72
C LEU A 270 6.59 19.05 -17.67
N THR A 271 7.08 20.24 -18.01
CA THR A 271 8.47 20.62 -17.77
C THR A 271 8.49 21.86 -16.86
N LEU A 272 9.15 21.75 -15.70
CA LEU A 272 9.27 22.88 -14.76
C LEU A 272 10.70 23.30 -14.51
N ARG A 273 10.89 24.57 -14.13
CA ARG A 273 12.18 25.08 -13.71
C ARG A 273 12.04 25.83 -12.38
N TRP A 274 13.16 26.13 -11.75
CA TRP A 274 13.15 27.04 -10.61
C TRP A 274 12.94 28.47 -11.12
N GLU A 275 11.94 29.15 -10.55
CA GLU A 275 11.62 30.52 -10.94
C GLU A 275 11.95 31.50 -9.82
N PRO A 276 13.17 32.05 -9.81
CA PRO A 276 13.58 32.93 -8.71
C PRO A 276 12.82 34.26 -8.72
N ILE B 1 15.28 -11.75 6.38
CA ILE B 1 14.10 -12.23 7.08
C ILE B 1 13.25 -11.06 7.61
N GLN B 2 13.92 -9.96 7.99
CA GLN B 2 13.22 -8.79 8.52
C GLN B 2 13.63 -7.51 7.79
N ARG B 3 12.74 -6.52 7.77
CA ARG B 3 12.98 -5.28 7.03
C ARG B 3 12.59 -4.07 7.88
N THR B 4 13.49 -3.10 7.99
CA THR B 4 13.28 -1.95 8.87
C THR B 4 12.39 -0.93 8.18
N PRO B 5 11.54 -0.22 8.96
CA PRO B 5 10.62 0.75 8.35
C PRO B 5 11.29 2.02 7.83
N LYS B 6 10.82 2.47 6.66
CA LYS B 6 11.10 3.80 6.17
C LYS B 6 10.05 4.70 6.81
N ILE B 7 10.43 5.92 7.17
CA ILE B 7 9.53 6.83 7.87
C ILE B 7 9.48 8.20 7.20
N GLN B 8 8.28 8.69 6.88
CA GLN B 8 8.13 10.08 6.44
C GLN B 8 7.13 10.82 7.34
N VAL B 9 7.47 12.05 7.72
CA VAL B 9 6.58 12.88 8.53
C VAL B 9 6.26 14.18 7.80
N TYR B 10 4.97 14.46 7.61
CA TYR B 10 4.55 15.53 6.71
C TYR B 10 3.10 15.93 6.96
N SER B 11 2.65 17.01 6.34
CA SER B 11 1.28 17.47 6.53
C SER B 11 0.43 17.19 5.29
N ARG B 12 -0.88 17.18 5.47
CA ARG B 12 -1.79 16.85 4.36
C ARG B 12 -1.82 17.97 3.32
N HIS B 13 -1.89 19.20 3.82
CA HIS B 13 -1.80 20.41 2.99
C HIS B 13 -0.55 21.19 3.40
N PRO B 14 -0.03 22.06 2.51
CA PRO B 14 1.10 22.89 2.91
C PRO B 14 0.79 23.66 4.18
N ALA B 15 1.74 23.72 5.10
CA ALA B 15 1.46 24.27 6.42
C ALA B 15 1.41 25.78 6.43
N GLU B 16 0.42 26.31 7.12
CA GLU B 16 0.43 27.72 7.47
C GLU B 16 0.04 27.86 8.92
N ASN B 17 0.85 28.59 9.68
CA ASN B 17 0.59 28.80 11.10
C ASN B 17 -0.82 29.35 11.34
N GLY B 18 -1.52 28.79 12.31
CA GLY B 18 -2.88 29.22 12.63
C GLY B 18 -4.00 28.60 11.81
N LYS B 19 -3.66 27.86 10.76
CA LYS B 19 -4.68 27.19 9.95
C LYS B 19 -4.69 25.67 10.19
N SER B 20 -5.88 25.10 10.37
CA SER B 20 -6.02 23.69 10.70
C SER B 20 -5.54 22.79 9.56
N ASN B 21 -5.04 21.61 9.93
CA ASN B 21 -4.34 20.72 9.00
C ASN B 21 -4.35 19.30 9.57
N PHE B 22 -3.67 18.38 8.89
CA PHE B 22 -3.43 17.04 9.44
C PHE B 22 -1.95 16.74 9.42
N LEU B 23 -1.46 16.15 10.50
CA LEU B 23 -0.08 15.68 10.58
C LEU B 23 -0.02 14.19 10.27
N ASN B 24 0.84 13.80 9.33
CA ASN B 24 0.96 12.40 8.91
C ASN B 24 2.28 11.76 9.29
N CYS B 25 2.25 10.49 9.68
CA CYS B 25 3.46 9.72 9.76
C CYS B 25 3.24 8.45 8.97
N TYR B 26 3.94 8.33 7.85
CA TYR B 26 3.81 7.20 6.95
C TYR B 26 4.96 6.23 7.13
N VAL B 27 4.63 5.04 7.59
CA VAL B 27 5.66 4.02 7.75
C VAL B 27 5.47 2.93 6.72
N SER B 28 6.56 2.49 6.09
CA SER B 28 6.48 1.54 4.97
C SER B 28 7.75 0.76 4.79
N GLY B 29 7.66 -0.29 3.98
CA GLY B 29 8.80 -1.11 3.64
C GLY B 29 9.21 -2.06 4.75
N PHE B 30 8.34 -2.28 5.74
CA PHE B 30 8.76 -3.06 6.89
C PHE B 30 8.16 -4.48 6.95
N HIS B 31 8.83 -5.34 7.73
CA HIS B 31 8.44 -6.73 7.88
C HIS B 31 9.20 -7.32 9.08
N PRO B 32 8.48 -7.94 10.03
CA PRO B 32 7.04 -8.26 10.04
C PRO B 32 6.15 -7.06 10.41
N SER B 33 4.84 -7.30 10.59
CA SER B 33 3.86 -6.23 10.59
C SER B 33 3.69 -5.48 11.91
N ASP B 34 4.12 -6.09 13.01
CA ASP B 34 3.99 -5.44 14.32
C ASP B 34 4.87 -4.21 14.38
N ILE B 35 4.27 -3.08 14.73
CA ILE B 35 4.98 -1.81 14.78
C ILE B 35 4.28 -0.86 15.74
N GLU B 36 5.06 0.02 16.37
CA GLU B 36 4.55 0.96 17.36
C GLU B 36 4.81 2.38 16.88
N VAL B 37 3.74 3.15 16.71
CA VAL B 37 3.92 4.52 16.25
C VAL B 37 3.21 5.51 17.18
N ASP B 38 3.96 6.52 17.61
CA ASP B 38 3.39 7.66 18.35
C ASP B 38 3.63 8.96 17.59
N LEU B 39 2.64 9.85 17.62
CA LEU B 39 2.84 11.20 17.10
C LEU B 39 3.14 12.10 18.32
N LEU B 40 4.16 12.93 18.20
CA LEU B 40 4.59 13.74 19.34
C LEU B 40 4.40 15.23 19.10
N LYS B 41 3.97 15.94 20.15
CA LYS B 41 3.93 17.40 20.15
C LYS B 41 4.75 17.92 21.32
N ASN B 42 5.82 18.64 21.03
CA ASN B 42 6.79 19.07 22.04
C ASN B 42 7.19 17.92 22.97
N GLY B 43 7.49 16.76 22.40
CA GLY B 43 7.98 15.63 23.15
C GLY B 43 6.93 14.76 23.83
N GLU B 44 5.67 15.18 23.74
CA GLU B 44 4.60 14.43 24.40
C GLU B 44 3.69 13.73 23.39
N ARG B 45 3.28 12.51 23.73
CA ARG B 45 2.44 11.71 22.86
C ARG B 45 1.04 12.30 22.69
N ILE B 46 0.61 12.45 21.44
CA ILE B 46 -0.73 12.91 21.12
C ILE B 46 -1.71 11.74 21.25
N GLU B 47 -2.87 11.95 21.85
CA GLU B 47 -3.70 10.80 22.17
C GLU B 47 -4.72 10.37 21.09
N LYS B 48 -5.29 11.30 20.34
CA LYS B 48 -6.43 10.94 19.50
C LYS B 48 -6.09 10.28 18.14
N VAL B 49 -4.86 9.81 17.97
CA VAL B 49 -4.35 9.43 16.64
C VAL B 49 -5.05 8.22 16.01
N GLU B 50 -5.38 8.33 14.73
CA GLU B 50 -5.97 7.24 13.95
C GLU B 50 -4.92 6.63 13.02
N HIS B 51 -5.23 5.45 12.46
CA HIS B 51 -4.34 4.89 11.45
C HIS B 51 -5.11 4.09 10.41
N SER B 52 -4.51 3.91 9.25
CA SER B 52 -5.12 3.15 8.16
C SER B 52 -5.10 1.64 8.45
N ASP B 53 -5.83 0.87 7.64
CA ASP B 53 -5.88 -0.60 7.75
C ASP B 53 -4.62 -1.23 7.17
N LEU B 54 -4.07 -2.23 7.87
CA LEU B 54 -2.85 -2.89 7.40
C LEU B 54 -2.96 -3.37 5.96
N SER B 55 -1.98 -3.01 5.15
CA SER B 55 -1.89 -3.49 3.79
C SER B 55 -0.43 -3.60 3.42
N PHE B 56 -0.16 -4.16 2.24
CA PHE B 56 1.22 -4.34 1.81
C PHE B 56 1.44 -4.11 0.31
N SER B 57 2.72 -3.92 -0.02
CA SER B 57 3.18 -3.64 -1.38
C SER B 57 3.48 -4.94 -2.15
N LYS B 58 3.83 -4.80 -3.42
CA LYS B 58 4.09 -5.97 -4.27
C LYS B 58 5.27 -6.79 -3.79
N ASP B 59 6.20 -6.17 -3.07
CA ASP B 59 7.35 -6.89 -2.54
C ASP B 59 7.06 -7.46 -1.15
N TRP B 60 5.77 -7.43 -0.78
CA TRP B 60 5.23 -7.98 0.47
C TRP B 60 5.52 -7.13 1.72
N SER B 61 6.19 -5.99 1.57
CA SER B 61 6.48 -5.17 2.74
C SER B 61 5.22 -4.39 3.12
N PHE B 62 5.05 -4.13 4.41
CA PHE B 62 3.82 -3.54 4.93
C PHE B 62 3.87 -2.03 4.90
N TYR B 63 2.69 -1.38 4.88
CA TYR B 63 2.66 0.06 5.11
C TYR B 63 1.44 0.54 5.93
N LEU B 64 1.63 1.61 6.67
CA LEU B 64 0.57 2.20 7.51
C LEU B 64 0.67 3.71 7.51
N LEU B 65 -0.48 4.38 7.51
CA LEU B 65 -0.53 5.83 7.70
C LEU B 65 -1.12 6.17 9.08
N TYR B 66 -0.36 6.89 9.89
CA TYR B 66 -0.86 7.43 11.16
C TYR B 66 -1.10 8.91 10.98
N TYR B 67 -2.19 9.42 11.53
CA TYR B 67 -2.54 10.81 11.28
C TYR B 67 -3.36 11.41 12.42
N THR B 68 -3.27 12.72 12.54
CA THR B 68 -4.01 13.45 13.56
C THR B 68 -4.19 14.89 13.11
N GLU B 69 -5.33 15.48 13.49
CA GLU B 69 -5.63 16.86 13.13
C GLU B 69 -4.84 17.80 14.04
N PHE B 70 -4.26 18.83 13.45
CA PHE B 70 -3.45 19.76 14.23
C PHE B 70 -3.38 21.13 13.55
N THR B 71 -3.13 22.16 14.35
CA THR B 71 -2.93 23.49 13.82
C THR B 71 -1.50 23.92 14.12
N PRO B 72 -0.67 23.98 13.07
CA PRO B 72 0.75 24.36 13.23
C PRO B 72 0.89 25.75 13.82
N THR B 73 1.91 25.94 14.63
CA THR B 73 2.33 27.27 15.05
C THR B 73 3.81 27.39 14.75
N GLU B 74 4.37 28.59 14.86
CA GLU B 74 5.78 28.78 14.57
C GLU B 74 6.61 28.18 15.70
N LYS B 75 6.06 28.19 16.91
CA LYS B 75 6.77 27.67 18.08
C LYS B 75 6.73 26.14 18.17
N ASP B 76 5.54 25.58 18.21
CA ASP B 76 5.33 24.16 18.47
C ASP B 76 6.10 23.25 17.51
N GLU B 77 6.62 22.15 18.03
CA GLU B 77 7.36 21.20 17.21
C GLU B 77 6.79 19.78 17.32
N TYR B 78 6.67 19.13 16.17
CA TYR B 78 6.04 17.83 16.07
C TYR B 78 7.02 16.77 15.57
N ALA B 79 6.75 15.51 15.91
CA ALA B 79 7.61 14.42 15.49
C ALA B 79 6.87 13.10 15.51
N CYS B 80 7.47 12.12 14.86
CA CYS B 80 6.98 10.75 14.87
C CYS B 80 7.99 9.86 15.61
N ARG B 81 7.50 8.98 16.46
CA ARG B 81 8.39 8.05 17.17
C ARG B 81 7.98 6.62 16.82
N VAL B 82 8.91 5.86 16.25
CA VAL B 82 8.60 4.54 15.72
C VAL B 82 9.45 3.46 16.36
N ASN B 83 8.81 2.37 16.79
CA ASN B 83 9.56 1.19 17.22
C ASN B 83 9.16 -0.05 16.43
N HIS B 84 10.15 -0.91 16.18
CA HIS B 84 10.00 -2.11 15.36
C HIS B 84 11.01 -3.12 15.89
N VAL B 85 10.80 -4.39 15.59
CA VAL B 85 11.73 -5.41 16.11
C VAL B 85 13.14 -5.22 15.52
N THR B 86 13.22 -4.64 14.32
CA THR B 86 14.52 -4.32 13.71
C THR B 86 15.24 -3.14 14.36
N LEU B 87 14.57 -2.43 15.26
CA LEU B 87 15.17 -1.23 15.86
C LEU B 87 15.59 -1.46 17.31
N SER B 88 16.85 -1.14 17.59
CA SER B 88 17.40 -1.29 18.94
C SER B 88 16.67 -0.43 19.95
N GLN B 89 16.37 0.81 19.56
CA GLN B 89 15.63 1.76 20.40
C GLN B 89 14.73 2.56 19.44
N PRO B 90 13.66 3.19 19.96
CA PRO B 90 12.77 3.95 19.06
C PRO B 90 13.49 4.97 18.18
N LYS B 91 13.09 5.06 16.93
CA LYS B 91 13.62 6.09 16.04
C LYS B 91 12.68 7.29 16.01
N ILE B 92 13.23 8.49 16.16
CA ILE B 92 12.42 9.70 16.12
C ILE B 92 12.74 10.53 14.87
N VAL B 93 11.71 10.79 14.06
CA VAL B 93 11.85 11.64 12.90
C VAL B 93 11.06 12.93 13.09
N LYS B 94 11.75 14.06 13.04
CA LYS B 94 11.09 15.35 13.29
C LYS B 94 10.42 15.88 12.03
N TRP B 95 9.33 16.60 12.25
CA TRP B 95 8.61 17.22 11.14
C TRP B 95 9.37 18.44 10.65
N ASP B 96 9.83 18.37 9.41
CA ASP B 96 10.43 19.50 8.73
C ASP B 96 9.44 19.99 7.68
N ARG B 97 9.05 21.26 7.77
CA ARG B 97 7.96 21.80 6.96
C ARG B 97 8.24 21.76 5.44
N ASP B 98 9.49 21.53 5.06
CA ASP B 98 9.86 21.59 3.65
C ASP B 98 10.22 20.23 3.05
N MET B 99 9.79 19.14 3.69
CA MET B 99 10.07 17.80 3.16
C MET B 99 8.93 16.78 3.37
N THR C 1 -20.21 -14.15 -4.79
CA THR C 1 -19.56 -13.12 -3.98
C THR C 1 -18.49 -12.36 -4.76
N SER C 2 -18.02 -11.25 -4.17
CA SER C 2 -16.95 -10.45 -4.77
C SER C 2 -15.55 -11.02 -4.47
N THR C 3 -15.30 -11.35 -3.21
CA THR C 3 -14.12 -12.14 -2.83
C THR C 3 -14.28 -13.57 -3.32
N PHE C 4 -13.17 -14.32 -3.38
CA PHE C 4 -13.23 -15.70 -3.83
C PHE C 4 -13.85 -16.57 -2.74
N GLU C 5 -14.96 -17.23 -3.09
CA GLU C 5 -15.78 -17.94 -2.10
C GLU C 5 -15.24 -19.29 -1.65
N ASP C 6 -14.81 -20.13 -2.58
CA ASP C 6 -14.46 -21.51 -2.25
C ASP C 6 -13.03 -21.65 -1.70
N VAL C 7 -12.72 -20.87 -0.68
CA VAL C 7 -11.35 -20.76 -0.17
C VAL C 7 -10.81 -22.08 0.45
N LYS C 8 -11.70 -23.01 0.82
CA LYS C 8 -11.23 -24.28 1.41
C LYS C 8 -10.35 -25.09 0.47
N ILE C 9 -10.47 -24.86 -0.84
CA ILE C 9 -9.63 -25.60 -1.80
C ILE C 9 -8.16 -25.14 -1.76
N LEU C 10 -7.90 -24.05 -1.06
CA LEU C 10 -6.55 -23.50 -0.96
C LEU C 10 -5.82 -23.95 0.32
N ALA C 11 -6.11 -25.16 0.75
CA ALA C 11 -5.34 -25.81 1.81
C ALA C 11 -3.92 -26.08 1.32
N PHE C 12 -2.92 -25.66 2.10
CA PHE C 12 -1.53 -25.86 1.72
C PHE C 12 -1.11 -27.35 1.69
#